data_6MVI
#
_entry.id   6MVI
#
_cell.length_a   30.817
_cell.length_b   72.975
_cell.length_c   86.641
_cell.angle_alpha   90.00
_cell.angle_beta   90.00
_cell.angle_gamma   90.00
#
_symmetry.space_group_name_H-M   'P 21 21 21'
#
loop_
_entity.id
_entity.type
_entity.pdbx_description
1 polymer 'Endoglucanase V'
2 water water
#
_entity_poly.entity_id   1
_entity_poly.type   'polypeptide(L)'
_entity_poly.pdbx_seq_one_letter_code
;MRSSTILQTGLVAALPFAVQAASGSGQSTRYWDCCKPSCSWSGKAPVNRPVLACDANNNPLSDASVKSGCDGGSAYTCAN
NSPWAVNDQLSYGFAATKLSGGTESSWCCACYALTFTSGPVAGKTLVVQSTSTGGDLGSNHFDINMPGGGVGLFDGCKRQ
FGGLPGAQYGGISSRSQCDSFPAALKPGCQWRFDWFQNADNPNFTFKQVQCPSELTSRTGCKRNDDSQFPVFTPPSGGGS
NPSTPTTPPSSGGGSGCTADKYAQCGGSGWSGCTNCPSGSTCKTINDYYHQCA
;
_entity_poly.pdbx_strand_id   A
#
# COMPACT_ATOMS: atom_id res chain seq x y z
N SER A 23 -15.24 -6.86 7.46
CA SER A 23 -15.46 -8.14 6.80
C SER A 23 -14.59 -9.26 7.40
N GLY A 24 -13.96 -9.03 8.56
CA GLY A 24 -13.20 -10.09 9.21
C GLY A 24 -11.94 -9.71 9.96
N SER A 25 -11.02 -10.69 10.08
CA SER A 25 -9.75 -10.52 10.77
C SER A 25 -8.63 -10.93 9.83
N GLY A 26 -7.42 -10.44 10.11
CA GLY A 26 -6.30 -10.82 9.26
C GLY A 26 -4.97 -10.52 9.90
N GLN A 27 -3.91 -10.80 9.13
CA GLN A 27 -2.53 -10.58 9.52
C GLN A 27 -1.90 -9.56 8.59
N SER A 28 -1.08 -8.66 9.13
CA SER A 28 -0.39 -7.68 8.31
C SER A 28 1.10 -8.02 8.20
N THR A 29 1.70 -7.62 7.08
CA THR A 29 3.13 -7.56 6.93
C THR A 29 3.45 -6.17 6.39
N ARG A 30 4.73 -5.91 6.10
CA ARG A 30 5.12 -4.61 5.55
C ARG A 30 5.96 -4.81 4.28
N TYR A 31 5.83 -3.86 3.35
CA TYR A 31 6.60 -4.01 2.12
C TYR A 31 6.68 -2.70 1.37
N TRP A 32 7.71 -2.64 0.52
CA TRP A 32 7.81 -1.67 -0.56
C TRP A 32 8.80 -2.27 -1.56
N ASP A 33 8.30 -2.71 -2.70
CA ASP A 33 9.16 -3.32 -3.70
C ASP A 33 9.31 -2.46 -4.95
N CYS A 34 8.65 -1.31 -5.00
CA CYS A 34 8.69 -0.35 -6.11
C CYS A 34 7.98 -0.83 -7.37
N CYS A 35 7.38 -2.03 -7.36
CA CYS A 35 6.79 -2.57 -8.58
C CYS A 35 5.54 -1.80 -8.97
N LYS A 36 5.25 -1.79 -10.27
CA LYS A 36 3.96 -1.30 -10.70
C LYS A 36 2.88 -2.08 -9.97
N PRO A 37 1.94 -1.41 -9.31
CA PRO A 37 0.91 -2.15 -8.56
C PRO A 37 -0.01 -2.90 -9.50
N SER A 38 -0.48 -4.07 -9.05
CA SER A 38 -1.23 -4.91 -9.96
C SER A 38 -2.57 -4.29 -10.32
N CYS A 39 -3.09 -3.38 -9.49
CA CYS A 39 -4.33 -2.68 -9.81
C CYS A 39 -4.09 -1.47 -10.71
N SER A 40 -2.85 -1.25 -11.13
CA SER A 40 -2.56 -0.22 -12.12
C SER A 40 -2.82 -0.69 -13.54
N TRP A 41 -3.21 -1.94 -13.74
CA TRP A 41 -3.49 -2.47 -15.07
C TRP A 41 -4.98 -2.34 -15.42
N SER A 42 -5.25 -2.18 -16.72
CA SER A 42 -6.62 -2.07 -17.22
C SER A 42 -7.36 -3.41 -17.17
N GLY A 43 -8.69 -3.33 -17.07
CA GLY A 43 -9.55 -4.49 -17.10
C GLY A 43 -9.50 -5.38 -15.87
N LYS A 44 -8.95 -4.89 -14.76
CA LYS A 44 -8.79 -5.73 -13.57
C LYS A 44 -9.95 -5.59 -12.60
N ALA A 45 -10.67 -4.47 -12.61
CA ALA A 45 -11.76 -4.24 -11.68
C ALA A 45 -12.68 -3.17 -12.25
N PRO A 46 -13.92 -3.07 -11.75
CA PRO A 46 -14.82 -2.01 -12.23
C PRO A 46 -14.52 -0.69 -11.53
N VAL A 47 -13.66 0.10 -12.17
CA VAL A 47 -13.17 1.37 -11.64
C VAL A 47 -13.26 2.44 -12.72
N ASN A 48 -13.17 3.69 -12.30
CA ASN A 48 -13.10 4.77 -13.28
C ASN A 48 -11.82 4.68 -14.10
N ARG A 49 -10.70 4.39 -13.45
CA ARG A 49 -9.44 4.15 -14.12
CA ARG A 49 -9.43 4.15 -14.12
C ARG A 49 -8.51 3.43 -13.16
N PRO A 50 -7.50 2.73 -13.66
CA PRO A 50 -6.60 1.99 -12.76
C PRO A 50 -5.72 2.91 -11.92
N VAL A 51 -5.14 2.31 -10.87
CA VAL A 51 -4.22 3.02 -10.00
C VAL A 51 -3.11 3.62 -10.83
N LEU A 52 -2.77 4.88 -10.56
CA LEU A 52 -1.69 5.54 -11.28
C LEU A 52 -0.34 5.00 -10.82
N ALA A 53 0.46 4.50 -11.76
CA ALA A 53 1.84 4.22 -11.49
C ALA A 53 2.67 5.44 -11.89
N CYS A 54 3.98 5.36 -11.67
CA CYS A 54 4.86 6.50 -11.87
C CYS A 54 6.11 6.06 -12.63
N ASP A 55 6.74 7.02 -13.32
CA ASP A 55 8.05 6.72 -13.88
C ASP A 55 9.08 6.66 -12.75
N ALA A 56 10.33 6.41 -13.12
CA ALA A 56 11.36 6.26 -12.09
C ALA A 56 11.56 7.53 -11.28
N ASN A 57 11.18 8.69 -11.81
CA ASN A 57 11.34 9.94 -11.09
C ASN A 57 10.06 10.39 -10.42
N ASN A 58 9.11 9.48 -10.20
CA ASN A 58 7.93 9.76 -9.39
C ASN A 58 6.92 10.65 -10.12
N ASN A 59 6.93 10.62 -11.48
CA ASN A 59 5.93 11.36 -12.24
C ASN A 59 4.78 10.41 -12.59
N PRO A 60 3.54 10.81 -12.39
CA PRO A 60 2.41 9.90 -12.66
C PRO A 60 2.28 9.57 -14.14
N LEU A 61 1.97 8.30 -14.41
CA LEU A 61 1.80 7.77 -15.76
C LEU A 61 0.32 7.56 -16.04
N SER A 62 -0.26 8.41 -16.90
CA SER A 62 -1.63 8.15 -17.32
C SER A 62 -1.73 6.95 -18.23
N ASP A 63 -0.64 6.58 -18.90
CA ASP A 63 -0.63 5.39 -19.77
C ASP A 63 -0.51 4.15 -18.90
N ALA A 64 -1.60 3.39 -18.81
CA ALA A 64 -1.66 2.18 -18.01
C ALA A 64 -0.99 0.99 -18.67
N SER A 65 -0.53 1.12 -19.90
CA SER A 65 0.12 0.02 -20.59
C SER A 65 1.63 -0.03 -20.36
N VAL A 66 2.20 0.94 -19.65
CA VAL A 66 3.65 0.90 -19.40
C VAL A 66 3.99 -0.36 -18.61
N LYS A 67 5.09 -1.01 -18.99
CA LYS A 67 5.47 -2.27 -18.38
C LYS A 67 6.08 -2.03 -17.00
N SER A 68 5.82 -2.94 -16.09
CA SER A 68 6.30 -2.80 -14.71
C SER A 68 7.82 -2.81 -14.68
N GLY A 69 8.39 -1.88 -13.89
CA GLY A 69 9.81 -1.93 -13.64
C GLY A 69 10.29 -3.23 -13.02
N CYS A 70 9.38 -4.05 -12.48
CA CYS A 70 9.75 -5.36 -11.98
C CYS A 70 9.73 -6.43 -13.06
N ASP A 71 9.27 -6.10 -14.27
CA ASP A 71 9.27 -6.99 -15.41
CA ASP A 71 9.30 -7.02 -15.41
C ASP A 71 10.08 -6.38 -16.56
N GLY A 72 11.19 -5.73 -16.24
CA GLY A 72 12.02 -5.11 -17.25
C GLY A 72 11.48 -3.82 -17.85
N GLY A 73 10.42 -3.26 -17.29
CA GLY A 73 9.80 -2.05 -17.80
C GLY A 73 10.26 -0.81 -17.08
N SER A 74 9.41 0.23 -17.09
CA SER A 74 9.78 1.53 -16.56
C SER A 74 8.70 2.15 -15.68
N ALA A 75 7.71 1.37 -15.23
CA ALA A 75 6.64 1.89 -14.39
C ALA A 75 6.80 1.36 -12.96
N TYR A 76 6.60 2.24 -11.98
CA TYR A 76 6.91 1.97 -10.59
C TYR A 76 5.77 2.45 -9.69
N THR A 77 5.82 2.08 -8.42
CA THR A 77 4.83 2.59 -7.48
C THR A 77 5.12 4.07 -7.20
N CYS A 78 4.08 4.89 -7.26
CA CYS A 78 4.24 6.31 -6.92
C CYS A 78 4.58 6.44 -5.44
N ALA A 79 5.44 7.40 -5.13
CA ALA A 79 5.83 7.62 -3.73
C ALA A 79 4.66 8.07 -2.87
N ASN A 80 3.60 8.63 -3.47
CA ASN A 80 2.45 9.06 -2.68
C ASN A 80 1.56 7.89 -2.26
N ASN A 81 1.90 6.66 -2.67
CA ASN A 81 1.29 5.45 -2.11
C ASN A 81 1.87 5.11 -0.74
N SER A 82 2.22 6.12 0.04
CA SER A 82 2.82 5.98 1.36
C SER A 82 1.80 6.23 2.45
N PRO A 83 2.01 5.70 3.66
CA PRO A 83 1.10 5.98 4.78
C PRO A 83 1.44 7.30 5.45
N TRP A 84 0.45 7.86 6.14
CA TRP A 84 0.69 9.02 6.99
C TRP A 84 -0.35 9.03 8.10
N ALA A 85 0.01 9.69 9.20
CA ALA A 85 -0.86 9.85 10.35
C ALA A 85 -1.56 11.21 10.29
N VAL A 86 -2.83 11.24 10.70
CA VAL A 86 -3.47 12.53 10.91
C VAL A 86 -3.62 12.85 12.39
N ASN A 87 -3.62 11.84 13.25
CA ASN A 87 -3.54 12.02 14.70
C ASN A 87 -2.95 10.74 15.30
N ASP A 88 -2.81 10.74 16.63
CA ASP A 88 -2.19 9.59 17.28
C ASP A 88 -3.05 8.33 17.19
N GLN A 89 -4.31 8.43 16.81
CA GLN A 89 -5.19 7.27 16.70
C GLN A 89 -5.42 6.81 15.27
N LEU A 90 -5.18 7.67 14.27
CA LEU A 90 -5.64 7.40 12.89
C LEU A 90 -4.58 7.71 11.86
N SER A 91 -4.35 6.79 10.92
CA SER A 91 -3.50 6.96 9.77
C SER A 91 -4.23 6.54 8.50
N TYR A 92 -3.71 6.96 7.34
CA TYR A 92 -4.18 6.58 6.01
C TYR A 92 -3.02 5.96 5.25
N GLY A 93 -3.32 5.02 4.37
CA GLY A 93 -2.27 4.34 3.65
C GLY A 93 -2.80 3.42 2.56
N PHE A 94 -1.93 2.50 2.14
CA PHE A 94 -2.22 1.61 1.02
C PHE A 94 -1.72 0.22 1.34
N ALA A 95 -2.24 -0.78 0.63
CA ALA A 95 -1.81 -2.14 0.89
C ALA A 95 -2.04 -3.04 -0.32
N ALA A 96 -1.35 -4.17 -0.32
CA ALA A 96 -1.66 -5.30 -1.20
C ALA A 96 -2.52 -6.27 -0.41
N THR A 97 -3.66 -6.68 -0.99
CA THR A 97 -4.63 -7.48 -0.26
C THR A 97 -4.79 -8.86 -0.91
N LYS A 98 -5.03 -9.86 -0.07
CA LYS A 98 -5.41 -11.20 -0.52
C LYS A 98 -6.50 -11.66 0.45
N LEU A 99 -7.76 -11.60 0.00
CA LEU A 99 -8.92 -11.69 0.90
C LEU A 99 -9.76 -12.93 0.66
N SER A 100 -10.27 -13.51 1.75
CA SER A 100 -11.11 -14.68 1.66
C SER A 100 -12.39 -14.36 0.89
N GLY A 101 -12.67 -15.15 -0.15
CA GLY A 101 -13.85 -15.01 -0.95
C GLY A 101 -13.76 -13.94 -2.02
N GLY A 102 -12.61 -13.29 -2.18
CA GLY A 102 -12.48 -12.17 -3.07
C GLY A 102 -11.58 -12.48 -4.25
N THR A 103 -11.55 -11.52 -5.17
CA THR A 103 -10.70 -11.58 -6.35
C THR A 103 -10.15 -10.18 -6.56
N GLU A 104 -9.18 -10.05 -7.48
CA GLU A 104 -8.70 -8.73 -7.88
C GLU A 104 -9.86 -7.83 -8.27
N SER A 105 -10.88 -8.39 -8.90
CA SER A 105 -12.01 -7.58 -9.33
C SER A 105 -12.82 -7.06 -8.15
N SER A 106 -12.75 -7.71 -6.98
CA SER A 106 -13.51 -7.22 -5.85
C SER A 106 -12.70 -6.37 -4.88
N TRP A 107 -11.36 -6.42 -4.88
CA TRP A 107 -10.59 -5.61 -3.94
C TRP A 107 -9.77 -4.48 -4.56
N CYS A 108 -9.45 -4.53 -5.85
CA CYS A 108 -8.65 -3.45 -6.46
C CYS A 108 -9.34 -2.11 -6.26
N CYS A 109 -8.63 -1.17 -5.63
CA CYS A 109 -9.08 0.20 -5.36
C CYS A 109 -10.18 0.28 -4.30
N ALA A 110 -10.48 -0.82 -3.61
CA ALA A 110 -11.38 -0.77 -2.47
C ALA A 110 -10.64 -0.26 -1.25
N CYS A 111 -11.37 0.33 -0.31
CA CYS A 111 -10.78 0.78 0.95
C CYS A 111 -11.31 0.00 2.13
N TYR A 112 -10.47 -0.10 3.16
CA TYR A 112 -10.74 -0.93 4.33
C TYR A 112 -10.19 -0.21 5.56
N ALA A 113 -10.99 -0.16 6.62
CA ALA A 113 -10.53 0.38 7.89
C ALA A 113 -10.01 -0.77 8.73
N LEU A 114 -8.71 -0.76 9.04
CA LEU A 114 -8.12 -1.78 9.90
C LEU A 114 -8.02 -1.26 11.31
N THR A 115 -8.48 -2.06 12.27
CA THR A 115 -8.22 -1.79 13.67
C THR A 115 -7.26 -2.86 14.17
N PHE A 116 -6.08 -2.44 14.58
CA PHE A 116 -5.05 -3.36 15.02
C PHE A 116 -5.44 -4.00 16.36
N THR A 117 -5.15 -5.31 16.48
CA THR A 117 -5.53 -6.09 17.65
C THR A 117 -4.33 -6.70 18.36
N SER A 118 -3.11 -6.36 17.96
CA SER A 118 -1.93 -6.89 18.63
C SER A 118 -0.79 -5.93 18.41
N GLY A 119 0.32 -6.19 19.09
CA GLY A 119 1.49 -5.36 18.96
C GLY A 119 1.28 -3.99 19.58
N PRO A 120 2.30 -3.13 19.46
CA PRO A 120 2.24 -1.80 20.08
C PRO A 120 1.19 -0.89 19.50
N VAL A 121 0.66 -1.18 18.31
CA VAL A 121 -0.35 -0.33 17.69
C VAL A 121 -1.77 -0.82 17.98
N ALA A 122 -1.92 -1.85 18.81
CA ALA A 122 -3.24 -2.39 19.14
C ALA A 122 -4.19 -1.27 19.54
N GLY A 123 -5.38 -1.29 18.93
CA GLY A 123 -6.35 -0.24 19.16
C GLY A 123 -6.32 0.89 18.16
N LYS A 124 -5.22 1.10 17.44
CA LYS A 124 -5.19 2.17 16.46
C LYS A 124 -5.89 1.76 15.17
N THR A 125 -6.19 2.76 14.35
CA THR A 125 -6.94 2.62 13.13
C THR A 125 -6.08 3.06 11.95
N LEU A 126 -6.02 2.22 10.92
CA LEU A 126 -5.39 2.55 9.65
C LEU A 126 -6.37 2.24 8.53
N VAL A 127 -6.74 3.27 7.77
CA VAL A 127 -7.60 3.11 6.61
C VAL A 127 -6.72 3.06 5.37
N VAL A 128 -6.78 1.95 4.65
CA VAL A 128 -5.96 1.72 3.48
C VAL A 128 -6.84 1.60 2.25
N GLN A 129 -6.24 1.87 1.10
CA GLN A 129 -6.80 1.48 -0.19
C GLN A 129 -5.97 0.34 -0.75
N SER A 130 -6.64 -0.67 -1.30
CA SER A 130 -5.92 -1.76 -1.95
C SER A 130 -5.44 -1.30 -3.31
N THR A 131 -4.14 -1.42 -3.57
CA THR A 131 -3.58 -1.07 -4.86
C THR A 131 -3.02 -2.27 -5.60
N SER A 132 -3.03 -3.44 -4.98
CA SER A 132 -2.33 -4.58 -5.54
C SER A 132 -2.83 -5.87 -4.88
N THR A 133 -2.48 -7.00 -5.46
CA THR A 133 -2.82 -8.29 -4.87
C THR A 133 -1.60 -8.81 -4.12
N GLY A 134 -1.82 -9.22 -2.86
CA GLY A 134 -0.75 -9.71 -2.02
C GLY A 134 -0.68 -11.23 -2.01
N GLY A 135 0.36 -11.74 -1.36
CA GLY A 135 0.47 -13.18 -1.23
C GLY A 135 -0.51 -13.72 -0.21
N ASP A 136 -0.79 -15.02 -0.31
CA ASP A 136 -1.65 -15.65 0.69
C ASP A 136 -0.93 -15.72 2.03
N LEU A 137 -1.58 -15.24 3.09
CA LEU A 137 -1.03 -15.35 4.44
C LEU A 137 -2.20 -15.25 5.41
N GLY A 138 -2.59 -16.37 6.00
CA GLY A 138 -3.76 -16.32 6.87
C GLY A 138 -5.02 -16.13 6.06
N SER A 139 -6.09 -15.72 6.77
CA SER A 139 -7.40 -15.61 6.16
C SER A 139 -7.57 -14.36 5.30
N ASN A 140 -6.91 -13.23 5.67
CA ASN A 140 -7.10 -11.96 4.95
C ASN A 140 -5.83 -11.11 5.07
N HIS A 141 -4.81 -11.46 4.30
CA HIS A 141 -3.53 -10.79 4.40
C HIS A 141 -3.61 -9.35 3.87
N PHE A 142 -3.09 -8.41 4.67
CA PHE A 142 -2.84 -7.05 4.22
C PHE A 142 -1.34 -6.81 4.28
N ASP A 143 -0.70 -6.62 3.13
CA ASP A 143 0.70 -6.25 3.06
C ASP A 143 0.76 -4.72 2.97
N ILE A 144 1.12 -4.06 4.05
CA ILE A 144 0.95 -2.62 4.17
C ILE A 144 2.17 -1.93 3.54
N ASN A 145 1.91 -1.02 2.58
CA ASN A 145 2.96 -0.19 1.98
C ASN A 145 3.67 0.64 3.05
N MET A 146 5.00 0.51 3.13
CA MET A 146 5.80 1.55 3.76
C MET A 146 7.22 1.49 3.22
N PRO A 147 7.74 2.58 2.64
CA PRO A 147 9.09 2.52 2.05
C PRO A 147 10.08 2.04 3.09
N GLY A 148 10.90 1.06 2.71
CA GLY A 148 11.80 0.45 3.66
C GLY A 148 11.23 -0.73 4.44
N GLY A 149 10.00 -1.14 4.14
CA GLY A 149 9.45 -2.33 4.73
C GLY A 149 9.94 -3.63 4.13
N GLY A 150 10.66 -3.59 3.02
CA GLY A 150 11.21 -4.81 2.41
C GLY A 150 10.68 -4.99 1.01
N VAL A 151 11.59 -5.32 0.09
CA VAL A 151 11.21 -5.57 -1.30
C VAL A 151 10.71 -6.99 -1.54
N GLY A 152 11.05 -7.95 -0.68
CA GLY A 152 10.59 -9.32 -0.90
C GLY A 152 11.14 -9.91 -2.18
N LEU A 153 10.26 -10.56 -2.96
CA LEU A 153 10.69 -11.38 -4.09
C LEU A 153 11.12 -10.58 -5.31
N PHE A 154 10.65 -9.34 -5.47
CA PHE A 154 10.94 -8.56 -6.68
C PHE A 154 11.55 -7.24 -6.27
N ASP A 155 12.82 -7.05 -6.61
CA ASP A 155 13.55 -5.84 -6.23
C ASP A 155 13.46 -4.81 -7.36
N GLY A 156 12.28 -4.20 -7.47
CA GLY A 156 12.11 -3.13 -8.46
C GLY A 156 12.84 -1.87 -8.07
N CYS A 157 13.06 -1.65 -6.77
CA CYS A 157 13.73 -0.45 -6.31
C CYS A 157 15.18 -0.42 -6.78
N LYS A 158 15.80 -1.59 -6.94
CA LYS A 158 17.13 -1.64 -7.54
C LYS A 158 17.11 -1.03 -8.93
N ARG A 159 16.09 -1.37 -9.73
CA ARG A 159 16.00 -0.84 -11.08
C ARG A 159 15.59 0.64 -11.08
N GLN A 160 14.70 1.03 -10.17
CA GLN A 160 14.19 2.39 -10.19
C GLN A 160 15.29 3.40 -9.89
N PHE A 161 16.06 3.19 -8.81
CA PHE A 161 17.03 4.21 -8.38
C PHE A 161 18.24 3.62 -7.67
N GLY A 162 18.60 2.37 -7.98
CA GLY A 162 19.77 1.78 -7.38
C GLY A 162 19.52 0.98 -6.11
N GLY A 163 18.28 0.92 -5.63
CA GLY A 163 17.97 0.08 -4.50
C GLY A 163 17.75 0.86 -3.21
N LEU A 164 17.02 0.24 -2.29
CA LEU A 164 16.82 0.72 -0.94
C LEU A 164 17.61 -0.13 0.05
N PRO A 165 18.13 0.45 1.12
CA PRO A 165 18.75 -0.38 2.16
C PRO A 165 17.69 -1.26 2.81
N GLY A 166 18.18 -2.27 3.53
CA GLY A 166 17.29 -3.09 4.34
C GLY A 166 17.30 -4.56 3.97
N ALA A 167 16.84 -5.39 4.90
CA ALA A 167 16.70 -6.82 4.66
C ALA A 167 15.66 -7.07 3.59
N GLN A 168 15.84 -8.17 2.85
CA GLN A 168 14.89 -8.52 1.79
C GLN A 168 13.47 -8.60 2.33
N TYR A 169 13.29 -9.25 3.48
CA TYR A 169 11.99 -9.32 4.14
C TYR A 169 12.05 -8.51 5.43
N GLY A 170 11.19 -7.51 5.55
CA GLY A 170 11.19 -6.61 6.70
C GLY A 170 11.92 -5.31 6.48
N GLY A 171 12.79 -5.23 5.47
CA GLY A 171 13.43 -3.96 5.18
C GLY A 171 14.37 -3.49 6.27
N ILE A 172 14.44 -2.16 6.46
CA ILE A 172 15.45 -1.58 7.37
C ILE A 172 15.09 -1.88 8.82
N SER A 173 16.10 -1.73 9.71
CA SER A 173 15.87 -1.94 11.13
C SER A 173 16.05 -0.70 12.01
N SER A 174 16.67 0.37 11.51
CA SER A 174 16.88 1.58 12.30
C SER A 174 16.28 2.78 11.60
N ARG A 175 15.69 3.69 12.37
CA ARG A 175 15.06 4.88 11.78
C ARG A 175 16.06 5.74 11.01
N SER A 176 17.31 5.82 11.46
CA SER A 176 18.31 6.60 10.72
C SER A 176 18.47 6.09 9.29
N GLN A 177 18.19 4.80 9.04
CA GLN A 177 18.36 4.30 7.68
C GLN A 177 17.44 5.01 6.68
N CYS A 178 16.38 5.67 7.15
CA CYS A 178 15.55 6.47 6.24
C CYS A 178 16.30 7.66 5.69
N ASP A 179 17.36 8.10 6.35
CA ASP A 179 18.01 9.36 5.95
C ASP A 179 18.58 9.31 4.54
N SER A 180 18.87 8.13 4.01
CA SER A 180 19.46 8.04 2.67
C SER A 180 18.45 7.67 1.60
N PHE A 181 17.17 7.56 1.93
CA PHE A 181 16.16 7.23 0.94
C PHE A 181 15.98 8.39 -0.04
N PRO A 182 15.49 8.12 -1.24
CA PRO A 182 14.94 9.19 -2.06
C PRO A 182 13.97 10.03 -1.23
N ALA A 183 14.08 11.36 -1.39
CA ALA A 183 13.34 12.28 -0.54
C ALA A 183 11.85 11.96 -0.48
N ALA A 184 11.24 11.68 -1.63
CA ALA A 184 9.79 11.44 -1.64
C ALA A 184 9.40 10.21 -0.83
N LEU A 185 10.34 9.32 -0.54
CA LEU A 185 10.04 8.10 0.20
C LEU A 185 10.34 8.22 1.69
N LYS A 186 10.88 9.34 2.15
CA LYS A 186 11.28 9.47 3.54
C LYS A 186 10.11 9.60 4.52
N PRO A 187 9.05 10.34 4.18
CA PRO A 187 7.92 10.42 5.13
C PRO A 187 7.30 9.06 5.45
N GLY A 188 7.02 8.26 4.42
CA GLY A 188 6.47 6.94 4.66
C GLY A 188 7.45 6.02 5.36
N CYS A 189 8.75 6.18 5.07
CA CYS A 189 9.77 5.43 5.77
C CYS A 189 9.77 5.71 7.26
N GLN A 190 9.61 6.98 7.64
CA GLN A 190 9.67 7.39 9.04
C GLN A 190 8.37 7.12 9.77
N TRP A 191 7.24 7.17 9.06
CA TRP A 191 5.95 6.78 9.63
C TRP A 191 6.03 5.40 10.27
N ARG A 192 6.77 4.49 9.62
CA ARG A 192 6.84 3.14 10.11
C ARG A 192 7.41 3.08 11.52
N PHE A 193 8.34 3.98 11.83
CA PHE A 193 8.94 4.04 13.15
C PHE A 193 8.25 5.02 14.08
N ASP A 194 7.57 6.02 13.53
CA ASP A 194 6.89 7.02 14.36
C ASP A 194 5.50 6.54 14.73
N TRP A 195 4.49 6.83 13.91
CA TRP A 195 3.14 6.45 14.30
C TRP A 195 2.97 4.93 14.39
N PHE A 196 3.64 4.17 13.50
CA PHE A 196 3.48 2.72 13.49
C PHE A 196 4.31 2.02 14.57
N GLN A 197 5.18 2.75 15.26
CA GLN A 197 5.94 2.21 16.40
C GLN A 197 6.74 0.97 16.03
N ASN A 198 7.20 0.90 14.79
CA ASN A 198 7.98 -0.25 14.32
C ASN A 198 7.26 -1.56 14.64
N ALA A 199 5.93 -1.53 14.57
CA ALA A 199 5.16 -2.74 14.84
C ALA A 199 5.53 -3.86 13.88
N ASP A 200 5.72 -5.06 14.42
CA ASP A 200 6.15 -6.21 13.61
C ASP A 200 4.94 -7.09 13.31
N ASN A 201 4.45 -7.04 12.06
CA ASN A 201 3.32 -7.82 11.56
C ASN A 201 2.15 -7.92 12.57
N PRO A 202 1.56 -6.80 12.96
CA PRO A 202 0.42 -6.88 13.89
C PRO A 202 -0.82 -7.45 13.22
N ASN A 203 -1.68 -8.07 14.02
CA ASN A 203 -2.99 -8.53 13.58
C ASN A 203 -4.01 -7.39 13.60
N PHE A 204 -5.17 -7.63 13.00
CA PHE A 204 -6.18 -6.59 12.87
C PHE A 204 -7.54 -7.24 12.62
N THR A 205 -8.59 -6.50 12.94
CA THR A 205 -9.89 -6.67 12.30
C THR A 205 -10.03 -5.61 11.22
N PHE A 206 -10.93 -5.86 10.27
CA PHE A 206 -11.09 -4.92 9.16
C PHE A 206 -12.50 -4.96 8.59
N LYS A 207 -12.90 -3.84 7.99
CA LYS A 207 -14.17 -3.72 7.29
C LYS A 207 -13.97 -2.82 6.08
N GLN A 208 -14.57 -3.22 4.95
CA GLN A 208 -14.58 -2.39 3.75
C GLN A 208 -15.41 -1.14 3.98
N VAL A 209 -14.92 -0.01 3.46
CA VAL A 209 -15.58 1.29 3.64
C VAL A 209 -15.45 2.08 2.34
N GLN A 210 -16.31 3.09 2.20
CA GLN A 210 -16.11 4.08 1.17
C GLN A 210 -14.73 4.70 1.33
N CYS A 211 -14.06 4.91 0.20
CA CYS A 211 -12.71 5.46 0.21
C CYS A 211 -12.73 6.93 0.58
N PRO A 212 -11.97 7.35 1.58
CA PRO A 212 -11.71 8.78 1.74
C PRO A 212 -11.01 9.34 0.50
N SER A 213 -11.39 10.56 0.13
CA SER A 213 -10.77 11.21 -1.02
CA SER A 213 -10.77 11.19 -1.02
C SER A 213 -9.27 11.37 -0.83
N GLU A 214 -8.80 11.38 0.42
CA GLU A 214 -7.37 11.43 0.70
C GLU A 214 -6.64 10.34 -0.07
N LEU A 215 -7.24 9.15 -0.15
CA LEU A 215 -6.61 8.02 -0.82
C LEU A 215 -6.90 8.02 -2.33
N THR A 216 -8.15 8.23 -2.75
CA THR A 216 -8.43 8.17 -4.18
C THR A 216 -7.83 9.36 -4.94
N SER A 217 -7.52 10.46 -4.25
CA SER A 217 -6.84 11.56 -4.93
C SER A 217 -5.39 11.21 -5.27
N ARG A 218 -4.78 10.27 -4.54
CA ARG A 218 -3.40 9.88 -4.82
C ARG A 218 -3.31 8.85 -5.93
N THR A 219 -4.18 7.83 -5.89
CA THR A 219 -4.17 6.79 -6.91
C THR A 219 -5.01 7.12 -8.13
N GLY A 220 -5.98 8.02 -8.02
CA GLY A 220 -6.89 8.30 -9.10
C GLY A 220 -7.86 7.18 -9.42
N CYS A 221 -7.93 6.14 -8.60
CA CYS A 221 -8.70 4.94 -8.89
C CYS A 221 -9.83 4.81 -7.87
N LYS A 222 -11.06 4.79 -8.35
CA LYS A 222 -12.23 4.71 -7.49
C LYS A 222 -13.17 3.65 -8.04
N ARG A 223 -13.63 2.75 -7.17
CA ARG A 223 -14.46 1.64 -7.61
C ARG A 223 -15.87 2.11 -7.89
N ASN A 224 -16.50 1.50 -8.90
CA ASN A 224 -17.89 1.85 -9.18
C ASN A 224 -18.80 1.49 -8.02
N ASP A 225 -18.44 0.48 -7.22
CA ASP A 225 -19.26 0.07 -6.10
C ASP A 225 -18.89 0.76 -4.79
N ASP A 226 -18.09 1.84 -4.85
CA ASP A 226 -17.61 2.46 -3.61
C ASP A 226 -18.76 2.81 -2.67
N SER A 227 -19.88 3.30 -3.21
CA SER A 227 -21.01 3.73 -2.40
C SER A 227 -21.77 2.59 -1.75
N GLN A 228 -21.44 1.35 -2.06
CA GLN A 228 -22.15 0.22 -1.49
C GLN A 228 -21.72 -0.07 -0.06
N PHE A 229 -20.72 0.63 0.44
CA PHE A 229 -20.10 0.32 1.72
C PHE A 229 -20.21 1.53 2.63
N PRO A 230 -20.05 1.34 3.94
CA PRO A 230 -20.33 2.44 4.88
C PRO A 230 -19.28 3.54 4.79
N VAL A 231 -19.72 4.76 5.10
CA VAL A 231 -18.79 5.86 5.28
C VAL A 231 -17.90 5.59 6.47
N PHE A 232 -16.60 5.90 6.32
CA PHE A 232 -15.69 5.80 7.46
C PHE A 232 -15.84 7.04 8.35
N THR A 233 -15.99 6.80 9.65
CA THR A 233 -16.00 7.86 10.65
C THR A 233 -14.78 7.72 11.55
N PRO A 234 -13.88 8.72 11.59
CA PRO A 234 -12.65 8.66 12.39
C PRO A 234 -12.88 8.38 13.87
#